data_9I7Z
#
_entry.id   9I7Z
#
_cell.length_a   60.576
_cell.length_b   50.728
_cell.length_c   71.689
_cell.angle_alpha   90.000
_cell.angle_beta   100.011
_cell.angle_gamma   90.000
#
_symmetry.space_group_name_H-M   'P 1 21 1'
#
loop_
_entity.id
_entity.type
_entity.pdbx_description
1 polymer 'PA-I galactophilic lectin'
2 non-polymer 'CALCIUM ION'
3 non-polymer [2,6-bis(fluoranyl)phenyl]-[3-nitro-4,5-bis(oxidanyl)phenyl]methanone
4 non-polymer 'PENTAETHYLENE GLYCOL'
5 non-polymer 1,2-ETHANEDIOL
6 non-polymer 'CHLORIDE ION'
7 non-polymer 'TETRAETHYLENE GLYCOL'
8 non-polymer 2-[2-[2-[2-[2-[2-(2-methoxyethoxy)ethoxy]ethoxy]ethoxy]ethoxy]ethoxy]ethanol
9 non-polymer 'ACETATE ION'
10 non-polymer DI(HYDROXYETHYL)ETHER
11 water water
#
_entity_poly.entity_id   1
_entity_poly.type   'polypeptide(L)'
_entity_poly.pdbx_seq_one_letter_code
;AWKGEVLANNEAGQVTSIIYNPGDVITIVAAGWASYGPTQKWGPQGDREHPDQGLICHDAFCGALVMKIGNSGTIPVNTG
LFRWVAPNNVQGAITLIYNDVPGTYGNNSGSFSVNIGKDQS
;
_entity_poly.pdbx_strand_id   A,B,C,D
#
# COMPACT_ATOMS: atom_id res chain seq x y z
N ALA A 1 -10.24 -3.95 2.94
CA ALA A 1 -10.44 -4.63 1.65
C ALA A 1 -11.73 -5.45 1.70
N TRP A 2 -12.22 -5.86 0.53
CA TRP A 2 -13.44 -6.63 0.50
C TRP A 2 -13.26 -7.67 -0.60
N LYS A 3 -13.74 -8.88 -0.31
CA LYS A 3 -13.74 -9.93 -1.32
C LYS A 3 -15.12 -10.59 -1.24
N GLY A 4 -15.71 -10.89 -2.39
CA GLY A 4 -17.05 -11.48 -2.38
C GLY A 4 -17.54 -11.78 -3.79
N GLU A 5 -18.81 -12.15 -3.88
CA GLU A 5 -19.41 -12.61 -5.12
C GLU A 5 -20.58 -11.72 -5.46
N VAL A 6 -20.76 -11.46 -6.75
CA VAL A 6 -21.90 -10.73 -7.26
C VAL A 6 -22.67 -11.67 -8.20
N LEU A 7 -23.94 -11.92 -7.89
CA LEU A 7 -24.76 -12.85 -8.63
C LEU A 7 -25.37 -12.08 -9.79
N ALA A 8 -25.25 -12.66 -11.00
CA ALA A 8 -25.80 -12.08 -12.19
C ALA A 8 -27.31 -11.87 -12.06
N ASN A 9 -27.97 -12.76 -11.31
CA ASN A 9 -29.41 -12.68 -11.19
C ASN A 9 -29.88 -11.69 -10.13
N ASN A 10 -28.96 -11.00 -9.44
CA ASN A 10 -29.34 -10.13 -8.32
C ASN A 10 -29.49 -8.71 -8.83
N GLU A 11 -30.73 -8.31 -9.07
CA GLU A 11 -30.95 -7.02 -9.70
C GLU A 11 -30.56 -5.86 -8.78
N ALA A 12 -30.57 -6.10 -7.49
CA ALA A 12 -30.25 -5.08 -6.48
C ALA A 12 -28.75 -4.88 -6.32
N GLY A 13 -27.97 -5.81 -6.81
CA GLY A 13 -26.53 -5.77 -6.64
C GLY A 13 -26.08 -6.32 -5.30
N GLN A 14 -24.75 -6.40 -5.17
CA GLN A 14 -24.11 -6.79 -3.94
C GLN A 14 -23.47 -5.57 -3.30
N VAL A 15 -23.98 -5.19 -2.12
CA VAL A 15 -23.40 -4.09 -1.36
C VAL A 15 -22.11 -4.57 -0.70
N THR A 16 -21.03 -3.80 -0.86
CA THR A 16 -19.75 -4.23 -0.31
C THR A 16 -19.59 -3.56 1.04
N SER A 17 -18.47 -3.84 1.72
CA SER A 17 -18.08 -3.19 2.96
C SER A 17 -17.31 -1.94 2.68
N ILE A 18 -16.99 -1.67 1.41
CA ILE A 18 -16.16 -0.52 1.08
C ILE A 18 -17.00 0.76 1.03
N ILE A 19 -16.64 1.76 1.86
CA ILE A 19 -17.19 3.10 1.73
C ILE A 19 -16.16 3.93 1.01
N TYR A 20 -16.42 4.33 -0.21
CA TYR A 20 -15.57 5.21 -0.97
C TYR A 20 -15.71 6.63 -0.41
N ASN A 21 -14.60 7.21 0.02
CA ASN A 21 -14.51 8.53 0.57
C ASN A 21 -13.73 9.44 -0.36
N PRO A 22 -13.96 10.77 -0.32
CA PRO A 22 -13.19 11.69 -1.16
C PRO A 22 -11.69 11.45 -1.00
N GLY A 23 -11.05 11.34 -2.16
CA GLY A 23 -9.63 11.24 -2.27
C GLY A 23 -9.15 9.78 -2.28
N ASP A 24 -10.07 8.84 -2.03
CA ASP A 24 -9.65 7.45 -2.00
C ASP A 24 -9.19 7.02 -3.40
N VAL A 25 -8.16 6.17 -3.39
CA VAL A 25 -7.69 5.45 -4.55
C VAL A 25 -8.04 3.98 -4.34
N ILE A 26 -8.68 3.35 -5.30
CA ILE A 26 -9.05 1.96 -5.14
C ILE A 26 -8.58 1.11 -6.31
N THR A 27 -8.47 -0.23 -6.02
CA THR A 27 -8.17 -1.22 -7.01
C THR A 27 -9.20 -2.34 -6.90
N ILE A 28 -9.74 -2.72 -8.07
CA ILE A 28 -10.69 -3.80 -8.17
C ILE A 28 -10.13 -4.82 -9.17
N VAL A 29 -10.27 -6.12 -8.86
CA VAL A 29 -10.06 -7.19 -9.79
C VAL A 29 -11.32 -8.05 -9.77
N ALA A 30 -11.90 -8.31 -10.94
CA ALA A 30 -13.09 -9.13 -11.07
C ALA A 30 -12.83 -10.29 -12.04
N ALA A 31 -13.34 -11.46 -11.65
CA ALA A 31 -13.13 -12.68 -12.41
C ALA A 31 -14.44 -13.50 -12.36
N GLY A 32 -14.51 -14.53 -13.20
CA GLY A 32 -15.65 -15.47 -13.23
C GLY A 32 -16.48 -15.37 -14.52
N TRP A 33 -17.62 -16.05 -14.52
CA TRP A 33 -18.43 -16.34 -15.70
C TRP A 33 -19.89 -16.22 -15.35
N ALA A 34 -20.60 -15.47 -16.16
CA ALA A 34 -21.99 -15.24 -15.94
C ALA A 34 -22.70 -15.10 -17.27
N SER A 35 -24.03 -15.22 -17.18
CA SER A 35 -24.88 -15.04 -18.34
C SER A 35 -26.07 -14.17 -18.00
N TYR A 36 -26.52 -13.45 -19.00
CA TYR A 36 -27.74 -12.67 -18.94
C TYR A 36 -28.94 -13.40 -19.55
N GLY A 37 -28.80 -14.72 -19.80
CA GLY A 37 -29.90 -15.49 -20.38
C GLY A 37 -29.39 -16.72 -21.12
N PRO A 38 -28.52 -16.54 -22.13
CA PRO A 38 -28.09 -17.69 -22.94
C PRO A 38 -27.32 -18.75 -22.18
N THR A 39 -27.11 -19.87 -22.84
CA THR A 39 -26.36 -20.95 -22.24
C THR A 39 -24.88 -20.58 -22.05
N GLN A 40 -24.30 -19.95 -23.04
CA GLN A 40 -22.95 -19.40 -22.98
C GLN A 40 -22.81 -18.45 -21.78
N LYS A 41 -21.58 -18.36 -21.29
CA LYS A 41 -21.27 -17.40 -20.25
C LYS A 41 -20.12 -16.50 -20.70
N TRP A 42 -20.09 -15.28 -20.12
CA TRP A 42 -19.08 -14.30 -20.46
C TRP A 42 -18.35 -13.87 -19.19
N GLY A 43 -17.16 -13.31 -19.38
CA GLY A 43 -16.36 -12.72 -18.30
C GLY A 43 -16.89 -11.32 -17.93
N PRO A 44 -16.21 -10.62 -17.00
CA PRO A 44 -16.73 -9.38 -16.46
C PRO A 44 -16.78 -8.20 -17.43
N GLN A 45 -16.25 -8.35 -18.65
CA GLN A 45 -16.54 -7.29 -19.65
C GLN A 45 -17.87 -7.56 -20.35
N GLY A 46 -18.45 -8.73 -20.18
CA GLY A 46 -19.76 -8.97 -20.77
C GLY A 46 -19.66 -9.39 -22.25
N ASP A 47 -20.77 -9.16 -22.98
CA ASP A 47 -20.90 -9.69 -24.35
C ASP A 47 -20.88 -8.50 -25.30
N ARG A 48 -19.76 -8.40 -26.01
CA ARG A 48 -19.54 -7.22 -26.83
C ARG A 48 -20.49 -7.17 -28.04
N GLU A 49 -21.20 -8.25 -28.34
CA GLU A 49 -22.03 -8.35 -29.52
C GLU A 49 -23.46 -7.99 -29.21
N HIS A 50 -23.85 -7.98 -27.92
CA HIS A 50 -25.24 -7.84 -27.63
C HIS A 50 -25.60 -6.36 -27.69
N PRO A 51 -26.72 -6.01 -28.37
CA PRO A 51 -27.15 -4.62 -28.38
C PRO A 51 -27.63 -4.18 -27.02
N ASP A 52 -27.60 -2.88 -26.79
CA ASP A 52 -28.13 -2.29 -25.58
C ASP A 52 -29.62 -1.99 -25.73
N GLN A 53 -30.47 -2.71 -25.00
CA GLN A 53 -31.90 -2.54 -25.14
C GLN A 53 -32.44 -1.94 -23.83
N GLY A 54 -31.61 -1.18 -23.11
CA GLY A 54 -32.02 -0.50 -21.90
C GLY A 54 -31.21 -0.99 -20.69
N LEU A 55 -29.91 -1.14 -20.87
CA LEU A 55 -29.03 -1.56 -19.79
C LEU A 55 -29.02 -0.54 -18.65
N ILE A 56 -28.74 -1.02 -17.41
CA ILE A 56 -28.56 -0.09 -16.31
C ILE A 56 -27.34 0.79 -16.54
N CYS A 57 -26.33 0.30 -17.28
CA CYS A 57 -25.14 1.12 -17.57
C CYS A 57 -24.87 1.10 -19.08
N HIS A 58 -25.04 2.24 -19.76
CA HIS A 58 -24.92 2.31 -21.21
C HIS A 58 -23.45 2.39 -21.62
N ASP A 59 -22.53 2.55 -20.66
CA ASP A 59 -21.10 2.62 -20.98
C ASP A 59 -20.38 1.30 -20.80
N ALA A 60 -21.14 0.21 -20.62
CA ALA A 60 -20.58 -1.13 -20.57
C ALA A 60 -21.47 -2.11 -21.35
N PHE A 61 -20.93 -3.26 -21.73
CA PHE A 61 -21.72 -4.24 -22.44
C PHE A 61 -22.69 -4.94 -21.49
N CYS A 62 -23.70 -5.53 -22.14
CA CYS A 62 -24.56 -6.48 -21.47
C CYS A 62 -23.74 -7.59 -20.82
N GLY A 63 -23.98 -7.81 -19.52
CA GLY A 63 -23.25 -8.86 -18.82
C GLY A 63 -21.94 -8.40 -18.18
N ALA A 64 -21.60 -7.13 -18.30
CA ALA A 64 -20.42 -6.61 -17.64
C ALA A 64 -20.70 -6.31 -16.16
N LEU A 65 -19.61 -6.27 -15.36
CA LEU A 65 -19.65 -5.80 -14.00
C LEU A 65 -19.63 -4.28 -13.97
N VAL A 66 -20.56 -3.69 -13.25
CA VAL A 66 -20.59 -2.25 -13.02
C VAL A 66 -20.77 -2.00 -11.53
N MET A 67 -20.79 -0.74 -11.14
CA MET A 67 -21.01 -0.41 -9.74
C MET A 67 -21.71 0.93 -9.61
N LYS A 68 -22.16 1.17 -8.38
CA LYS A 68 -22.56 2.48 -7.94
C LYS A 68 -21.76 2.79 -6.68
N ILE A 69 -21.50 4.07 -6.47
CA ILE A 69 -20.86 4.51 -5.25
C ILE A 69 -21.85 5.40 -4.53
N GLY A 70 -22.30 4.98 -3.35
CA GLY A 70 -23.49 5.61 -2.74
C GLY A 70 -24.68 5.59 -3.69
N ASN A 71 -25.33 6.74 -3.85
CA ASN A 71 -26.48 6.86 -4.76
C ASN A 71 -26.06 7.40 -6.14
N SER A 72 -24.80 7.17 -6.56
CA SER A 72 -24.32 7.55 -7.89
C SER A 72 -25.10 6.82 -9.00
N GLY A 73 -24.95 7.29 -10.22
CA GLY A 73 -25.30 6.44 -11.35
C GLY A 73 -24.24 5.33 -11.54
N THR A 74 -24.48 4.48 -12.52
CA THR A 74 -23.67 3.29 -12.71
C THR A 74 -22.36 3.72 -13.32
N ILE A 75 -21.29 3.00 -12.93
CA ILE A 75 -19.97 3.28 -13.41
C ILE A 75 -19.41 1.93 -13.79
N PRO A 76 -18.82 1.80 -15.02
CA PRO A 76 -18.30 0.52 -15.43
C PRO A 76 -17.11 0.07 -14.58
N VAL A 77 -17.07 -1.24 -14.26
CA VAL A 77 -15.92 -1.84 -13.65
C VAL A 77 -15.21 -2.80 -14.60
N ASN A 78 -15.98 -3.65 -15.28
CA ASN A 78 -15.39 -4.60 -16.20
C ASN A 78 -14.46 -5.55 -15.46
N THR A 79 -13.23 -5.71 -15.95
CA THR A 79 -12.33 -6.65 -15.33
C THR A 79 -11.76 -6.07 -14.03
N GLY A 80 -11.90 -4.75 -13.87
CA GLY A 80 -11.36 -4.08 -12.71
C GLY A 80 -10.82 -2.70 -12.98
N LEU A 81 -10.28 -2.10 -11.93
CA LEU A 81 -9.79 -0.73 -11.95
C LEU A 81 -8.45 -0.75 -11.27
N PHE A 82 -7.49 -0.03 -11.79
CA PHE A 82 -6.14 0.00 -11.21
C PHE A 82 -5.81 1.38 -10.64
N ARG A 83 -5.71 1.49 -9.32
CA ARG A 83 -5.40 2.75 -8.66
C ARG A 83 -6.27 3.87 -9.23
N TRP A 84 -7.57 3.72 -9.05
CA TRP A 84 -8.59 4.57 -9.62
C TRP A 84 -9.20 5.51 -8.58
N VAL A 85 -9.54 6.72 -9.04
CA VAL A 85 -10.18 7.77 -8.27
C VAL A 85 -11.49 8.12 -8.97
N ALA A 86 -12.51 8.31 -8.18
CA ALA A 86 -13.87 8.50 -8.63
C ALA A 86 -13.97 9.96 -9.04
N PRO A 87 -14.98 10.31 -9.87
CA PRO A 87 -15.34 11.72 -10.07
C PRO A 87 -15.62 12.43 -8.75
N ASN A 88 -15.47 13.75 -8.75
CA ASN A 88 -15.79 14.53 -7.57
C ASN A 88 -17.26 14.29 -7.25
N ASN A 89 -17.66 14.56 -6.00
CA ASN A 89 -19.04 14.51 -5.62
C ASN A 89 -19.63 13.11 -5.70
N VAL A 90 -18.76 12.07 -5.68
CA VAL A 90 -19.25 10.70 -5.63
C VAL A 90 -18.66 10.06 -4.38
N GLN A 91 -19.52 9.52 -3.51
CA GLN A 91 -19.01 8.98 -2.25
C GLN A 91 -20.06 8.05 -1.69
N GLY A 92 -19.63 7.07 -0.91
CA GLY A 92 -20.52 6.18 -0.20
C GLY A 92 -20.18 4.74 -0.50
N ALA A 93 -21.07 3.82 -0.06
CA ALA A 93 -20.80 2.40 -0.16
C ALA A 93 -20.74 1.99 -1.63
N ILE A 94 -19.78 1.13 -1.95
CA ILE A 94 -19.73 0.56 -3.31
C ILE A 94 -20.71 -0.61 -3.40
N THR A 95 -21.60 -0.55 -4.38
CA THR A 95 -22.48 -1.67 -4.69
C THR A 95 -22.09 -2.18 -6.06
N LEU A 96 -21.82 -3.48 -6.19
CA LEU A 96 -21.43 -4.11 -7.43
C LEU A 96 -22.71 -4.68 -8.08
N ILE A 97 -22.88 -4.52 -9.40
CA ILE A 97 -24.12 -4.91 -10.06
C ILE A 97 -23.78 -5.51 -11.42
N TYR A 98 -24.43 -6.61 -11.78
CA TYR A 98 -24.34 -7.18 -13.11
C TYR A 98 -25.15 -6.31 -14.11
N ASN A 99 -24.58 -5.95 -15.23
CA ASN A 99 -25.21 -5.00 -16.14
C ASN A 99 -26.23 -5.75 -16.98
N ASP A 100 -27.52 -5.48 -16.75
CA ASP A 100 -28.57 -6.08 -17.53
C ASP A 100 -29.71 -5.09 -17.65
N VAL A 101 -30.73 -5.46 -18.45
CA VAL A 101 -31.92 -4.66 -18.60
C VAL A 101 -32.82 -4.89 -17.37
N PRO A 102 -33.25 -3.83 -16.69
CA PRO A 102 -34.12 -3.99 -15.53
C PRO A 102 -35.33 -4.88 -15.85
N GLY A 103 -35.65 -5.79 -14.94
CA GLY A 103 -36.81 -6.64 -15.12
C GLY A 103 -36.41 -7.94 -15.79
N THR A 104 -35.14 -8.07 -16.24
CA THR A 104 -34.73 -9.25 -17.00
C THR A 104 -33.68 -10.06 -16.25
N TYR A 105 -33.54 -9.85 -14.92
CA TYR A 105 -32.46 -10.48 -14.19
C TYR A 105 -32.78 -11.94 -13.88
N GLY A 106 -34.05 -12.30 -13.99
CA GLY A 106 -34.52 -13.59 -13.51
C GLY A 106 -34.01 -14.77 -14.34
N ASN A 107 -33.61 -14.56 -15.58
CA ASN A 107 -33.02 -15.65 -16.37
C ASN A 107 -31.49 -15.62 -16.35
N ASN A 108 -30.88 -14.83 -15.47
CA ASN A 108 -29.42 -14.74 -15.41
C ASN A 108 -28.82 -15.88 -14.61
N SER A 109 -27.56 -16.18 -14.86
CA SER A 109 -26.86 -17.25 -14.16
C SER A 109 -25.42 -16.86 -13.94
N GLY A 110 -24.82 -17.51 -12.97
CA GLY A 110 -23.43 -17.32 -12.62
C GLY A 110 -23.21 -16.05 -11.80
N SER A 111 -21.93 -15.73 -11.65
CA SER A 111 -21.49 -14.73 -10.68
C SER A 111 -20.08 -14.33 -11.03
N PHE A 112 -19.68 -13.15 -10.52
CA PHE A 112 -18.29 -12.78 -10.53
C PHE A 112 -17.75 -12.73 -9.13
N SER A 113 -16.48 -13.15 -8.99
CA SER A 113 -15.71 -12.96 -7.80
C SER A 113 -14.93 -11.67 -7.92
N VAL A 114 -15.05 -10.83 -6.87
CA VAL A 114 -14.45 -9.51 -6.92
C VAL A 114 -13.67 -9.22 -5.65
N ASN A 115 -12.53 -8.56 -5.82
CA ASN A 115 -11.70 -8.05 -4.76
C ASN A 115 -11.69 -6.54 -4.89
N ILE A 116 -11.88 -5.81 -3.77
CA ILE A 116 -11.68 -4.35 -3.76
C ILE A 116 -10.78 -3.96 -2.62
N GLY A 117 -9.78 -3.10 -2.90
CA GLY A 117 -8.95 -2.57 -1.83
C GLY A 117 -8.67 -1.09 -2.02
N LYS A 118 -8.37 -0.41 -0.93
CA LYS A 118 -7.93 0.99 -1.01
C LYS A 118 -6.42 1.03 -1.13
N ASP A 119 -5.94 1.93 -1.97
CA ASP A 119 -4.50 2.06 -2.22
C ASP A 119 -3.85 3.19 -1.45
N GLN A 120 -2.51 3.24 -1.52
CA GLN A 120 -1.79 4.32 -0.86
C GLN A 120 -2.16 5.65 -1.48
N SER A 121 -2.17 6.67 -0.64
CA SER A 121 -2.24 8.04 -1.11
C SER A 121 -1.31 8.91 -0.22
N ALA B 1 6.22 0.86 -11.76
CA ALA B 1 5.02 0.10 -12.26
C ALA B 1 5.17 -0.10 -13.77
N TRP B 2 4.28 -0.89 -14.36
CA TRP B 2 4.33 -1.17 -15.77
C TRP B 2 2.91 -1.15 -16.33
N LYS B 3 2.75 -0.51 -17.48
CA LYS B 3 1.50 -0.47 -18.18
C LYS B 3 1.81 -0.68 -19.66
N GLY B 4 1.00 -1.50 -20.32
CA GLY B 4 1.24 -1.73 -21.74
C GLY B 4 0.19 -2.68 -22.32
N GLU B 5 0.54 -3.23 -23.49
CA GLU B 5 -0.35 -4.11 -24.20
C GLU B 5 0.42 -5.41 -24.44
N VAL B 6 -0.36 -6.52 -24.47
CA VAL B 6 0.22 -7.83 -24.74
C VAL B 6 -0.51 -8.35 -26.01
N LEU B 7 0.25 -8.67 -27.04
CA LEU B 7 -0.29 -8.99 -28.37
C LEU B 7 -0.63 -10.47 -28.40
N ALA B 8 -1.83 -10.81 -28.84
CA ALA B 8 -2.24 -12.20 -28.89
C ALA B 8 -1.33 -13.01 -29.80
N ASN B 9 -0.80 -12.36 -30.87
CA ASN B 9 -0.05 -13.15 -31.85
C ASN B 9 1.43 -13.24 -31.50
N ASN B 10 1.84 -12.73 -30.36
CA ASN B 10 3.25 -12.78 -29.96
C ASN B 10 3.54 -14.01 -29.09
N GLU B 11 4.15 -15.02 -29.74
CA GLU B 11 4.44 -16.25 -29.04
C GLU B 11 5.49 -16.05 -27.95
N ALA B 12 6.36 -15.07 -28.15
CA ALA B 12 7.49 -14.87 -27.25
C ALA B 12 7.09 -14.10 -25.98
N GLY B 13 5.92 -13.47 -26.02
CA GLY B 13 5.38 -12.72 -24.90
C GLY B 13 5.99 -11.33 -24.77
N GLN B 14 5.57 -10.64 -23.71
CA GLN B 14 5.91 -9.23 -23.53
C GLN B 14 6.67 -9.10 -22.24
N VAL B 15 7.94 -8.73 -22.34
CA VAL B 15 8.82 -8.61 -21.19
C VAL B 15 8.55 -7.28 -20.51
N THR B 16 8.16 -7.30 -19.22
CA THR B 16 7.84 -6.07 -18.53
C THR B 16 9.05 -5.58 -17.75
N SER B 17 8.88 -4.40 -17.11
CA SER B 17 9.94 -3.79 -16.29
C SER B 17 9.87 -4.29 -14.87
N ILE B 18 8.88 -5.13 -14.55
CA ILE B 18 8.67 -5.56 -13.18
C ILE B 18 9.61 -6.71 -12.88
N ILE B 19 10.48 -6.55 -11.89
CA ILE B 19 11.32 -7.63 -11.41
C ILE B 19 10.72 -8.11 -10.13
N TYR B 20 10.08 -9.27 -10.17
CA TYR B 20 9.49 -9.85 -9.01
C TYR B 20 10.60 -10.43 -8.13
N ASN B 21 10.61 -9.94 -6.90
CA ASN B 21 11.58 -10.38 -5.90
C ASN B 21 10.83 -11.11 -4.79
N PRO B 22 11.46 -12.09 -4.14
CA PRO B 22 10.83 -12.78 -3.02
C PRO B 22 10.19 -11.85 -2.01
N GLY B 23 8.96 -12.19 -1.63
CA GLY B 23 8.17 -11.44 -0.68
C GLY B 23 7.37 -10.31 -1.33
N ASP B 24 7.59 -10.05 -2.61
CA ASP B 24 6.87 -8.95 -3.24
C ASP B 24 5.38 -9.31 -3.38
N VAL B 25 4.56 -8.29 -3.17
CA VAL B 25 3.12 -8.38 -3.41
C VAL B 25 2.80 -7.55 -4.65
N ILE B 26 2.06 -8.14 -5.61
CA ILE B 26 1.79 -7.40 -6.84
C ILE B 26 0.29 -7.41 -7.12
N THR B 27 -0.13 -6.41 -7.90
CA THR B 27 -1.48 -6.39 -8.47
C THR B 27 -1.37 -6.22 -9.98
N ILE B 28 -2.16 -6.98 -10.69
CA ILE B 28 -2.29 -6.93 -12.12
C ILE B 28 -3.77 -6.79 -12.42
N VAL B 29 -4.09 -5.87 -13.33
CA VAL B 29 -5.40 -5.77 -13.94
C VAL B 29 -5.20 -5.85 -15.45
N ALA B 30 -5.98 -6.69 -16.11
CA ALA B 30 -5.91 -6.88 -17.55
C ALA B 30 -7.32 -6.69 -18.15
N ALA B 31 -7.41 -6.03 -19.30
CA ALA B 31 -8.65 -5.79 -19.99
C ALA B 31 -8.44 -5.97 -21.51
N GLY B 32 -9.58 -6.00 -22.22
CA GLY B 32 -9.57 -6.03 -23.68
C GLY B 32 -10.04 -7.36 -24.26
N TRP B 33 -9.80 -7.51 -25.58
CA TRP B 33 -10.41 -8.51 -26.44
C TRP B 33 -9.37 -9.01 -27.42
N ALA B 34 -9.28 -10.33 -27.54
CA ALA B 34 -8.33 -10.95 -28.41
C ALA B 34 -8.95 -12.24 -28.93
N SER B 35 -8.32 -12.77 -29.98
CA SER B 35 -8.73 -14.07 -30.50
C SER B 35 -7.53 -14.94 -30.77
N TYR B 36 -7.72 -16.23 -30.56
CA TYR B 36 -6.74 -17.23 -30.91
C TYR B 36 -7.00 -17.82 -32.32
N GLY B 37 -7.92 -17.21 -33.10
CA GLY B 37 -8.13 -17.63 -34.49
C GLY B 37 -9.53 -17.33 -34.98
N PRO B 38 -10.59 -17.75 -34.26
CA PRO B 38 -11.95 -17.45 -34.69
C PRO B 38 -12.28 -15.97 -34.83
N THR B 39 -13.41 -15.69 -35.49
CA THR B 39 -13.75 -14.31 -35.73
C THR B 39 -14.19 -13.68 -34.40
N GLN B 40 -14.62 -14.51 -33.49
CA GLN B 40 -15.05 -14.03 -32.19
C GLN B 40 -13.83 -13.57 -31.39
N LYS B 41 -14.11 -12.79 -30.36
CA LYS B 41 -13.09 -12.32 -29.43
C LYS B 41 -13.45 -12.70 -28.00
N TRP B 42 -12.42 -12.88 -27.19
CA TRP B 42 -12.56 -13.23 -25.79
C TRP B 42 -11.77 -12.25 -24.93
N GLY B 43 -12.20 -12.16 -23.69
CA GLY B 43 -11.46 -11.36 -22.69
C GLY B 43 -10.28 -12.13 -22.13
N PRO B 44 -9.67 -11.55 -21.07
CA PRO B 44 -8.45 -12.10 -20.52
C PRO B 44 -8.54 -13.48 -19.89
N GLN B 45 -9.75 -13.97 -19.60
CA GLN B 45 -9.92 -15.34 -19.13
C GLN B 45 -9.93 -16.35 -20.28
N GLY B 46 -10.04 -15.87 -21.51
CA GLY B 46 -10.00 -16.75 -22.67
C GLY B 46 -11.35 -17.46 -22.88
N ASP B 47 -11.30 -18.60 -23.56
CA ASP B 47 -12.52 -19.26 -24.07
C ASP B 47 -12.73 -20.55 -23.24
N ARG B 48 -13.71 -20.51 -22.33
CA ARG B 48 -13.93 -21.61 -21.44
C ARG B 48 -14.41 -22.88 -22.18
N GLU B 49 -14.90 -22.77 -23.44
CA GLU B 49 -15.41 -23.92 -24.16
C GLU B 49 -14.32 -24.62 -24.99
N HIS B 50 -13.13 -24.03 -25.13
CA HIS B 50 -12.18 -24.64 -26.04
C HIS B 50 -11.38 -25.68 -25.30
N PRO B 51 -11.20 -26.88 -25.88
CA PRO B 51 -10.38 -27.89 -25.25
C PRO B 51 -8.90 -27.52 -25.25
N ASP B 52 -8.13 -28.11 -24.33
CA ASP B 52 -6.68 -27.92 -24.28
C ASP B 52 -5.98 -28.95 -25.15
N GLN B 53 -5.40 -28.51 -26.26
CA GLN B 53 -4.70 -29.40 -27.17
C GLN B 53 -3.21 -29.10 -27.14
N GLY B 54 -2.69 -28.69 -25.98
CA GLY B 54 -1.27 -28.39 -25.78
C GLY B 54 -0.99 -26.88 -25.55
N LEU B 55 -1.84 -26.25 -24.71
CA LEU B 55 -1.62 -24.84 -24.36
C LEU B 55 -0.32 -24.68 -23.61
N ILE B 56 0.30 -23.49 -23.72
CA ILE B 56 1.49 -23.25 -22.92
C ILE B 56 1.19 -23.22 -21.42
N CYS B 57 -0.07 -22.97 -21.03
CA CYS B 57 -0.47 -23.02 -19.63
C CYS B 57 -1.72 -23.88 -19.50
N HIS B 58 -1.58 -25.03 -18.82
CA HIS B 58 -2.68 -25.97 -18.66
C HIS B 58 -3.66 -25.50 -17.60
N ASP B 59 -3.31 -24.46 -16.84
CA ASP B 59 -4.15 -24.03 -15.74
C ASP B 59 -4.97 -22.80 -16.08
N ALA B 60 -5.02 -22.44 -17.38
CA ALA B 60 -5.88 -21.38 -17.88
C ALA B 60 -6.49 -21.77 -19.21
N PHE B 61 -7.57 -21.11 -19.60
CA PHE B 61 -8.21 -21.43 -20.87
C PHE B 61 -7.37 -20.93 -22.05
N CYS B 62 -7.62 -21.52 -23.22
CA CYS B 62 -7.18 -20.97 -24.48
C CYS B 62 -7.60 -19.54 -24.63
N GLY B 63 -6.65 -18.66 -24.94
CA GLY B 63 -6.91 -17.25 -25.14
C GLY B 63 -6.80 -16.44 -23.83
N ALA B 64 -6.41 -17.06 -22.72
CA ALA B 64 -6.26 -16.32 -21.47
C ALA B 64 -4.89 -15.63 -21.39
N LEU B 65 -4.80 -14.61 -20.50
CA LEU B 65 -3.52 -14.03 -20.17
C LEU B 65 -2.80 -14.86 -19.12
N VAL B 66 -1.52 -15.15 -19.33
CA VAL B 66 -0.70 -15.87 -18.40
C VAL B 66 0.65 -15.15 -18.29
N MET B 67 1.51 -15.63 -17.41
CA MET B 67 2.81 -14.99 -17.25
C MET B 67 3.85 -16.00 -16.79
N LYS B 68 5.10 -15.58 -16.85
CA LYS B 68 6.22 -16.26 -16.24
C LYS B 68 6.99 -15.21 -15.44
N ILE B 69 7.63 -15.66 -14.37
CA ILE B 69 8.48 -14.81 -13.57
C ILE B 69 9.89 -15.38 -13.70
N GLY B 70 10.79 -14.57 -14.29
CA GLY B 70 12.09 -15.10 -14.67
C GLY B 70 11.85 -16.31 -15.61
N ASN B 71 12.54 -17.44 -15.30
CA ASN B 71 12.46 -18.61 -16.15
C ASN B 71 11.52 -19.64 -15.56
N SER B 72 10.44 -19.21 -14.90
CA SER B 72 9.46 -20.12 -14.30
C SER B 72 8.57 -20.78 -15.34
N GLY B 73 7.76 -21.75 -14.89
CA GLY B 73 6.61 -22.22 -15.63
C GLY B 73 5.57 -21.11 -15.76
N THR B 74 4.57 -21.34 -16.61
CA THR B 74 3.52 -20.36 -16.82
C THR B 74 2.62 -20.33 -15.59
N ILE B 75 2.10 -19.15 -15.30
CA ILE B 75 1.27 -18.88 -14.15
C ILE B 75 0.05 -18.16 -14.73
N PRO B 76 -1.19 -18.59 -14.44
CA PRO B 76 -2.37 -17.88 -14.91
C PRO B 76 -2.47 -16.46 -14.34
N VAL B 77 -2.92 -15.54 -15.18
CA VAL B 77 -3.23 -14.18 -14.79
C VAL B 77 -4.71 -13.91 -14.94
N ASN B 78 -5.26 -14.27 -16.11
CA ASN B 78 -6.64 -13.98 -16.42
C ASN B 78 -6.89 -12.48 -16.33
N THR B 79 -7.97 -12.07 -15.69
CA THR B 79 -8.34 -10.66 -15.59
C THR B 79 -7.40 -9.93 -14.65
N GLY B 80 -6.67 -10.66 -13.82
CA GLY B 80 -5.63 -10.05 -13.01
C GLY B 80 -5.44 -10.78 -11.70
N LEU B 81 -4.58 -10.21 -10.87
CA LEU B 81 -4.24 -10.81 -9.59
C LEU B 81 -4.32 -9.70 -8.57
N PHE B 82 -4.99 -9.96 -7.44
CA PHE B 82 -5.14 -8.93 -6.43
C PHE B 82 -4.18 -9.18 -5.24
N ARG B 83 -3.25 -8.25 -5.02
CA ARG B 83 -2.34 -8.30 -3.87
C ARG B 83 -1.77 -9.73 -3.73
N TRP B 84 -1.14 -10.20 -4.77
CA TRP B 84 -0.73 -11.60 -4.90
C TRP B 84 0.76 -11.77 -4.62
N VAL B 85 1.09 -12.94 -4.02
CA VAL B 85 2.46 -13.34 -3.77
C VAL B 85 2.73 -14.67 -4.50
N ALA B 86 3.86 -14.73 -5.19
CA ALA B 86 4.22 -15.85 -6.02
C ALA B 86 4.63 -17.03 -5.15
N PRO B 87 4.64 -18.27 -5.72
CA PRO B 87 5.25 -19.44 -5.07
C PRO B 87 6.78 -19.42 -4.97
N ASN B 88 7.37 -20.00 -3.90
CA ASN B 88 8.75 -20.50 -4.00
C ASN B 88 9.87 -19.53 -4.46
N VAL B 90 10.35 -18.32 -6.94
CA VAL B 90 10.37 -17.67 -8.29
C VAL B 90 10.78 -16.22 -8.12
N GLN B 91 11.60 -15.75 -9.03
CA GLN B 91 12.20 -14.45 -8.96
C GLN B 91 12.52 -14.06 -10.39
N GLY B 92 12.45 -12.77 -10.70
CA GLY B 92 12.88 -12.27 -11.98
C GLY B 92 11.79 -11.50 -12.71
N ALA B 93 12.13 -11.08 -13.93
CA ALA B 93 11.27 -10.22 -14.72
C ALA B 93 9.97 -10.92 -15.07
N ILE B 94 8.89 -10.16 -15.02
CA ILE B 94 7.60 -10.70 -15.46
C ILE B 94 7.50 -10.61 -16.97
N THR B 95 7.18 -11.75 -17.60
CA THR B 95 6.81 -11.79 -18.99
C THR B 95 5.34 -12.18 -19.08
N LEU B 96 4.54 -11.37 -19.77
CA LEU B 96 3.13 -11.63 -19.96
C LEU B 96 2.96 -12.31 -21.33
N ILE B 97 2.13 -13.35 -21.41
CA ILE B 97 1.96 -14.07 -22.68
C ILE B 97 0.50 -14.46 -22.89
N TYR B 98 0.08 -14.47 -24.16
CA TYR B 98 -1.24 -14.99 -24.52
C TYR B 98 -1.19 -16.50 -24.56
N ASN B 99 -2.15 -17.17 -23.92
CA ASN B 99 -2.15 -18.62 -23.77
C ASN B 99 -2.69 -19.21 -25.08
N ASP B 100 -1.80 -19.82 -25.86
CA ASP B 100 -2.22 -20.47 -27.11
C ASP B 100 -1.38 -21.72 -27.27
N VAL B 101 -1.73 -22.51 -28.29
CA VAL B 101 -0.94 -23.70 -28.59
C VAL B 101 0.27 -23.22 -29.39
N PRO B 102 1.50 -23.61 -28.99
CA PRO B 102 2.67 -23.25 -29.75
C PRO B 102 2.53 -23.56 -31.23
N GLY B 103 2.95 -22.61 -32.05
CA GLY B 103 2.91 -22.79 -33.48
C GLY B 103 1.65 -22.21 -34.06
N THR B 104 0.68 -21.79 -33.21
CA THR B 104 -0.64 -21.42 -33.70
C THR B 104 -0.96 -19.96 -33.47
N TYR B 105 0.08 -19.12 -33.32
CA TYR B 105 -0.08 -17.73 -32.95
C TYR B 105 -0.36 -16.89 -34.16
N GLY B 106 -0.01 -17.39 -35.36
CA GLY B 106 -0.11 -16.54 -36.55
C GLY B 106 -1.54 -16.16 -36.91
N ASN B 107 -2.54 -16.93 -36.47
CA ASN B 107 -3.92 -16.56 -36.79
C ASN B 107 -4.53 -15.74 -35.66
N ASN B 108 -3.75 -15.30 -34.67
CA ASN B 108 -4.27 -14.53 -33.54
C ASN B 108 -4.48 -13.07 -33.91
N SER B 109 -5.36 -12.42 -33.17
CA SER B 109 -5.62 -11.01 -33.37
C SER B 109 -5.86 -10.39 -32.01
N GLY B 110 -5.63 -9.07 -31.97
CA GLY B 110 -5.98 -8.30 -30.80
C GLY B 110 -4.90 -8.39 -29.73
N SER B 111 -5.27 -7.76 -28.61
CA SER B 111 -4.31 -7.55 -27.53
C SER B 111 -5.09 -7.32 -26.23
N PHE B 112 -4.38 -7.48 -25.10
CA PHE B 112 -4.92 -7.06 -23.83
C PHE B 112 -4.13 -5.89 -23.26
N SER B 113 -4.84 -4.95 -22.63
CA SER B 113 -4.22 -3.86 -21.88
C SER B 113 -4.00 -4.29 -20.44
N VAL B 114 -2.79 -4.03 -19.93
CA VAL B 114 -2.38 -4.56 -18.62
C VAL B 114 -1.68 -3.49 -17.81
N ASN B 115 -2.05 -3.40 -16.54
CA ASN B 115 -1.34 -2.65 -15.55
C ASN B 115 -0.73 -3.62 -14.56
N ILE B 116 0.52 -3.40 -14.16
CA ILE B 116 1.13 -4.13 -13.03
C ILE B 116 1.79 -3.15 -12.07
N GLY B 117 1.47 -3.31 -10.79
CA GLY B 117 2.24 -2.59 -9.78
C GLY B 117 2.65 -3.52 -8.65
N LYS B 118 3.69 -3.10 -7.92
CA LYS B 118 4.02 -3.61 -6.63
C LYS B 118 3.16 -2.91 -5.59
N ASP B 119 2.66 -3.73 -4.68
CA ASP B 119 1.88 -3.23 -3.58
C ASP B 119 2.73 -3.10 -2.32
N GLN B 120 2.08 -2.56 -1.26
CA GLN B 120 2.75 -2.56 0.03
C GLN B 120 2.94 -3.99 0.51
N SER B 121 4.07 -4.21 1.18
CA SER B 121 4.37 -5.51 1.73
C SER B 121 5.22 -5.37 3.00
N ALA C 1 6.72 -7.25 5.51
CA ALA C 1 7.08 -6.24 6.54
C ALA C 1 7.86 -6.92 7.68
N TRP C 2 8.52 -6.12 8.50
CA TRP C 2 9.32 -6.65 9.60
C TRP C 2 9.07 -5.76 10.82
N LYS C 3 9.07 -6.41 11.97
CA LYS C 3 9.00 -5.72 13.25
C LYS C 3 10.01 -6.37 14.18
N GLY C 4 10.74 -5.54 14.94
CA GLY C 4 11.65 -6.11 15.90
C GLY C 4 12.29 -5.03 16.77
N GLU C 5 13.23 -5.42 17.60
CA GLU C 5 13.83 -4.57 18.60
C GLU C 5 15.31 -4.52 18.31
N VAL C 6 15.91 -3.34 18.37
CA VAL C 6 17.35 -3.21 18.23
C VAL C 6 17.93 -2.77 19.58
N LEU C 7 18.81 -3.61 20.16
CA LEU C 7 19.47 -3.31 21.42
C LEU C 7 20.60 -2.30 21.22
N ALA C 8 20.62 -1.32 22.10
CA ALA C 8 21.65 -0.29 22.09
C ALA C 8 23.02 -0.87 22.35
N ASN C 9 23.09 -2.00 23.09
CA ASN C 9 24.41 -2.53 23.43
C ASN C 9 24.94 -3.51 22.38
N ASN C 10 24.20 -3.70 21.27
CA ASN C 10 24.60 -4.66 20.25
C ASN C 10 25.43 -4.03 19.16
N GLU C 11 26.76 -4.16 19.28
CA GLU C 11 27.66 -3.46 18.37
C GLU C 11 27.58 -4.02 16.95
N ALA C 12 27.19 -5.31 16.82
CA ALA C 12 27.12 -5.98 15.53
C ALA C 12 25.85 -5.59 14.77
N GLY C 13 24.85 -5.08 15.50
CA GLY C 13 23.58 -4.78 14.86
C GLY C 13 22.71 -6.01 14.66
N GLN C 14 21.52 -5.72 14.15
CA GLN C 14 20.47 -6.70 14.02
C GLN C 14 20.15 -6.83 12.53
N VAL C 15 20.42 -8.01 11.96
CA VAL C 15 20.06 -8.26 10.57
C VAL C 15 18.56 -8.57 10.50
N THR C 16 17.80 -7.80 9.70
CA THR C 16 16.36 -7.99 9.57
C THR C 16 16.12 -9.03 8.46
N SER C 17 14.83 -9.35 8.28
CA SER C 17 14.30 -10.17 7.22
C SER C 17 14.22 -9.41 5.89
N ILE C 18 14.39 -8.07 5.92
CA ILE C 18 14.14 -7.28 4.75
C ILE C 18 15.37 -7.28 3.84
N ILE C 19 15.20 -7.68 2.59
CA ILE C 19 16.19 -7.51 1.57
C ILE C 19 15.76 -6.33 0.73
N TYR C 20 16.58 -5.29 0.72
CA TYR C 20 16.30 -4.14 -0.08
C TYR C 20 16.75 -4.48 -1.50
N ASN C 21 15.81 -4.37 -2.46
CA ASN C 21 16.07 -4.69 -3.85
C ASN C 21 15.99 -3.42 -4.68
N PRO C 22 16.69 -3.37 -5.85
CA PRO C 22 16.62 -2.19 -6.69
C PRO C 22 15.18 -1.80 -7.02
N GLY C 23 14.89 -0.54 -6.87
CA GLY C 23 13.57 0.00 -7.12
C GLY C 23 12.65 0.03 -5.90
N ASP C 24 13.07 -0.63 -4.84
CA ASP C 24 12.25 -0.68 -3.65
C ASP C 24 12.04 0.71 -3.03
N VAL C 25 10.80 0.95 -2.63
CA VAL C 25 10.42 2.05 -1.76
C VAL C 25 10.13 1.47 -0.38
N ILE C 26 10.72 2.03 0.67
CA ILE C 26 10.48 1.52 2.01
C ILE C 26 10.06 2.62 2.97
N THR C 27 9.38 2.18 4.02
CA THR C 27 9.03 3.00 5.15
C THR C 27 9.51 2.34 6.44
N ILE C 28 10.16 3.13 7.29
CA ILE C 28 10.65 2.70 8.59
C ILE C 28 10.11 3.66 9.62
N VAL C 29 9.62 3.13 10.73
CA VAL C 29 9.21 3.90 11.89
C VAL C 29 9.91 3.26 13.06
N ALA C 30 10.60 4.10 13.87
CA ALA C 30 11.34 3.63 15.01
C ALA C 30 10.88 4.39 16.24
N ALA C 31 10.74 3.67 17.35
CA ALA C 31 10.33 4.26 18.64
C ALA C 31 11.21 3.67 19.75
N GLY C 32 11.16 4.30 20.92
CA GLY C 32 11.72 3.74 22.14
C GLY C 32 12.78 4.66 22.72
N TRP C 33 13.41 4.12 23.74
CA TRP C 33 14.33 4.81 24.62
C TRP C 33 15.59 4.01 24.81
N ALA C 34 16.75 4.65 24.64
CA ALA C 34 18.00 3.96 24.74
C ALA C 34 19.02 4.95 25.21
N SER C 35 20.11 4.41 25.76
CA SER C 35 21.21 5.27 26.18
C SER C 35 22.54 4.69 25.74
N TYR C 36 23.47 5.59 25.42
CA TYR C 36 24.84 5.23 25.10
C TYR C 36 25.74 5.30 26.37
N GLY C 37 25.14 5.45 27.54
CA GLY C 37 25.89 5.46 28.80
C GLY C 37 25.16 6.22 29.90
N PRO C 38 24.72 7.47 29.65
CA PRO C 38 24.11 8.27 30.68
C PRO C 38 22.89 7.63 31.32
N THR C 39 22.49 8.17 32.46
CA THR C 39 21.20 7.80 33.04
C THR C 39 20.00 8.19 32.14
N GLN C 40 20.04 9.38 31.54
CA GLN C 40 19.00 9.81 30.61
C GLN C 40 18.98 8.88 29.41
N LYS C 41 17.76 8.72 28.85
CA LYS C 41 17.59 8.01 27.61
C LYS C 41 17.12 8.94 26.50
N TRP C 42 17.49 8.58 25.28
CA TRP C 42 17.10 9.33 24.10
C TRP C 42 16.27 8.45 23.17
N GLY C 43 15.56 9.18 22.31
CA GLY C 43 14.81 8.56 21.23
C GLY C 43 15.74 8.21 20.07
N PRO C 44 15.15 7.68 18.98
CA PRO C 44 15.90 7.21 17.84
C PRO C 44 16.70 8.26 17.08
N GLN C 45 16.46 9.58 17.31
CA GLN C 45 17.34 10.57 16.69
C GLN C 45 18.62 10.73 17.51
N GLY C 46 18.68 10.12 18.68
CA GLY C 46 19.88 10.20 19.51
C GLY C 46 20.00 11.55 20.22
N ASP C 47 21.23 11.91 20.57
CA ASP C 47 21.55 13.03 21.41
C ASP C 47 22.27 14.08 20.56
N ARG C 48 21.53 15.15 20.20
CA ARG C 48 22.08 16.15 19.31
C ARG C 48 23.28 16.89 19.93
N GLU C 49 23.41 16.89 21.27
CA GLU C 49 24.45 17.68 21.91
C GLU C 49 25.77 16.92 22.02
N HIS C 50 25.75 15.60 21.92
CA HIS C 50 26.96 14.86 22.22
C HIS C 50 27.95 14.95 21.07
N PRO C 51 29.24 15.15 21.37
CA PRO C 51 30.26 15.15 20.34
C PRO C 51 30.40 13.82 19.64
N ASP C 52 30.92 13.87 18.41
CA ASP C 52 31.31 12.69 17.68
C ASP C 52 32.77 12.36 17.94
N GLN C 53 33.04 11.29 18.70
CA GLN C 53 34.38 10.87 19.00
C GLN C 53 34.72 9.59 18.24
N GLY C 54 34.04 9.36 17.11
CA GLY C 54 34.29 8.20 16.29
C GLY C 54 33.05 7.32 16.20
N LEU C 55 31.87 7.95 15.97
CA LEU C 55 30.65 7.18 15.79
C LEU C 55 30.75 6.34 14.52
N ILE C 56 30.05 5.19 14.50
CA ILE C 56 30.02 4.38 13.30
C ILE C 56 29.31 5.10 12.17
N CYS C 57 28.43 6.07 12.51
CA CYS C 57 27.75 6.86 11.50
C CYS C 57 27.96 8.33 11.76
N HIS C 58 28.78 9.00 10.90
CA HIS C 58 29.07 10.41 11.15
C HIS C 58 27.91 11.31 10.75
N ASP C 59 26.89 10.77 10.09
CA ASP C 59 25.78 11.57 9.58
C ASP C 59 24.53 11.45 10.46
N ALA C 60 24.69 10.88 11.65
CA ALA C 60 23.63 10.87 12.65
C ALA C 60 24.24 11.15 14.01
N PHE C 61 23.38 11.49 14.99
CA PHE C 61 23.87 11.79 16.32
C PHE C 61 24.24 10.52 17.07
N CYS C 62 25.01 10.70 18.15
CA CYS C 62 25.26 9.63 19.10
C CYS C 62 23.93 9.15 19.66
N GLY C 63 23.72 7.84 19.61
CA GLY C 63 22.51 7.24 20.15
C GLY C 63 21.38 7.17 19.13
N ALA C 64 21.62 7.56 17.87
CA ALA C 64 20.62 7.40 16.82
C ALA C 64 20.52 5.99 16.29
N LEU C 65 19.39 5.67 15.67
CA LEU C 65 19.25 4.46 14.88
C LEU C 65 19.81 4.70 13.47
N VAL C 66 20.65 3.77 13.01
CA VAL C 66 21.18 3.80 11.65
C VAL C 66 21.05 2.41 11.06
N MET C 67 21.40 2.29 9.80
CA MET C 67 21.33 1.02 9.16
C MET C 67 22.43 0.86 8.10
N LYS C 68 22.56 -0.38 7.68
CA LYS C 68 23.28 -0.73 6.47
C LYS C 68 22.34 -1.55 5.58
N ILE C 69 22.56 -1.41 4.28
CA ILE C 69 21.86 -2.17 3.27
C ILE C 69 22.94 -3.00 2.58
N GLY C 70 22.87 -4.32 2.73
CA GLY C 70 23.99 -5.18 2.35
C GLY C 70 25.28 -4.72 3.03
N ASN C 71 26.34 -4.52 2.23
CA ASN C 71 27.65 -4.15 2.77
C ASN C 71 27.89 -2.66 2.56
N SER C 72 26.84 -1.84 2.56
CA SER C 72 26.98 -0.39 2.48
C SER C 72 27.65 0.22 3.72
N GLY C 73 28.01 1.52 3.59
CA GLY C 73 28.34 2.28 4.80
C GLY C 73 27.04 2.54 5.57
N THR C 74 27.15 3.11 6.77
CA THR C 74 25.97 3.38 7.58
C THR C 74 25.14 4.50 6.96
N ILE C 75 23.82 4.36 7.10
CA ILE C 75 22.84 5.27 6.56
C ILE C 75 21.93 5.64 7.74
N PRO C 76 21.69 6.95 7.96
CA PRO C 76 20.85 7.36 9.10
C PRO C 76 19.43 6.89 8.89
N VAL C 77 18.81 6.43 9.99
CA VAL C 77 17.41 6.16 10.04
C VAL C 77 16.68 7.08 10.99
N ASN C 78 17.22 7.29 12.19
CA ASN C 78 16.53 8.19 13.13
C ASN C 78 15.14 7.65 13.45
N THR C 79 14.12 8.53 13.52
CA THR C 79 12.77 8.14 13.83
C THR C 79 12.14 7.39 12.66
N GLY C 80 12.76 7.45 11.50
CA GLY C 80 12.34 6.58 10.40
C GLY C 80 12.50 7.26 9.05
N LEU C 81 12.00 6.57 8.02
CA LEU C 81 12.18 6.99 6.66
C LEU C 81 10.81 6.85 5.99
N PHE C 82 10.38 7.88 5.30
CA PHE C 82 9.03 7.85 4.71
C PHE C 82 9.09 7.67 3.20
N ARG C 83 8.60 6.54 2.71
CA ARG C 83 8.53 6.28 1.25
C ARG C 83 9.89 6.58 0.61
N TRP C 84 10.92 5.91 1.07
CA TRP C 84 12.31 6.22 0.81
C TRP C 84 12.91 5.22 -0.17
N VAL C 85 13.77 5.75 -1.06
CA VAL C 85 14.49 4.95 -2.03
C VAL C 85 15.99 5.17 -1.80
N ALA C 86 16.75 4.07 -1.81
CA ALA C 86 18.14 4.07 -1.46
C ALA C 86 18.97 4.65 -2.58
N PRO C 87 20.23 5.03 -2.28
CA PRO C 87 21.20 5.49 -3.30
C PRO C 87 21.60 4.48 -4.35
N ASN C 88 22.25 4.99 -5.40
CA ASN C 88 22.53 4.12 -6.55
C ASN C 88 23.22 2.85 -6.04
N ASN C 89 22.75 1.68 -6.51
CA ASN C 89 23.54 0.46 -6.40
C ASN C 89 23.56 -0.12 -4.97
N VAL C 90 22.88 0.49 -3.96
CA VAL C 90 22.88 -0.14 -2.65
C VAL C 90 21.82 -1.23 -2.61
N GLN C 91 22.12 -2.41 -2.08
CA GLN C 91 21.10 -3.43 -2.05
C GLN C 91 21.53 -4.54 -1.14
N GLY C 92 20.57 -5.31 -0.68
CA GLY C 92 20.85 -6.46 0.19
C GLY C 92 20.10 -6.33 1.52
N ALA C 93 20.43 -7.15 2.46
CA ALA C 93 19.75 -7.25 3.73
C ALA C 93 19.90 -5.95 4.52
N ILE C 94 18.80 -5.50 5.14
CA ILE C 94 18.87 -4.38 6.06
C ILE C 94 19.35 -4.84 7.42
N THR C 95 20.40 -4.19 7.91
CA THR C 95 20.92 -4.35 9.25
C THR C 95 20.71 -3.05 9.99
N LEU C 96 20.11 -3.11 11.16
CA LEU C 96 19.82 -1.97 11.98
C LEU C 96 20.85 -1.91 13.08
N ILE C 97 21.34 -0.70 13.40
CA ILE C 97 22.36 -0.59 14.44
C ILE C 97 22.19 0.67 15.25
N TYR C 98 22.57 0.59 16.53
CA TYR C 98 22.65 1.78 17.40
C TYR C 98 23.96 2.51 17.15
N ASN C 99 23.88 3.83 16.93
CA ASN C 99 25.06 4.62 16.58
C ASN C 99 25.84 4.93 17.87
N ASP C 100 26.99 4.27 18.04
CA ASP C 100 27.89 4.57 19.16
C ASP C 100 29.35 4.47 18.67
N VAL C 101 30.30 4.76 19.56
CA VAL C 101 31.71 4.65 19.22
C VAL C 101 32.11 3.19 19.38
N PRO C 102 32.74 2.56 18.39
CA PRO C 102 33.23 1.18 18.55
C PRO C 102 34.00 0.99 19.85
N GLY C 103 33.77 -0.12 20.54
CA GLY C 103 34.41 -0.35 21.82
C GLY C 103 33.63 0.23 22.98
N THR C 104 32.59 1.08 22.76
CA THR C 104 31.92 1.71 23.90
C THR C 104 30.47 1.23 24.04
N TYR C 105 30.12 0.07 23.47
CA TYR C 105 28.72 -0.34 23.46
C TYR C 105 28.33 -1.02 24.75
N GLY C 106 29.32 -1.38 25.59
CA GLY C 106 29.04 -2.24 26.71
C GLY C 106 28.23 -1.54 27.78
N ASN C 107 28.35 -0.19 27.86
CA ASN C 107 27.59 0.55 28.86
C ASN C 107 26.26 1.08 28.31
N ASN C 108 25.84 0.64 27.11
CA ASN C 108 24.60 1.12 26.51
C ASN C 108 23.44 0.34 27.08
N SER C 109 22.24 0.90 27.05
CA SER C 109 21.07 0.24 27.61
C SER C 109 19.86 0.64 26.77
N GLY C 110 18.81 -0.12 26.90
CA GLY C 110 17.55 0.12 26.21
C GLY C 110 17.60 -0.43 24.80
N SER C 111 16.54 -0.12 24.05
CA SER C 111 16.33 -0.64 22.71
C SER C 111 15.36 0.29 21.96
N PHE C 112 15.33 0.19 20.64
CA PHE C 112 14.27 0.76 19.81
C PHE C 112 13.42 -0.34 19.20
N SER C 113 12.12 -0.14 19.18
CA SER C 113 11.21 -0.92 18.36
C SER C 113 11.09 -0.31 16.99
N VAL C 114 11.22 -1.18 15.97
CA VAL C 114 11.28 -0.71 14.60
C VAL C 114 10.34 -1.56 13.74
N ASN C 115 9.62 -0.89 12.89
CA ASN C 115 8.83 -1.51 11.84
C ASN C 115 9.42 -1.11 10.51
N ILE C 116 9.53 -2.08 9.56
CA ILE C 116 9.93 -1.78 8.20
C ILE C 116 8.90 -2.40 7.26
N GLY C 117 8.46 -1.62 6.29
CA GLY C 117 7.61 -2.11 5.20
C GLY C 117 8.12 -1.70 3.86
N LYS C 118 7.60 -2.35 2.81
CA LYS C 118 7.81 -1.95 1.44
C LYS C 118 6.54 -1.29 0.92
N ASP C 119 6.73 -0.15 0.27
CA ASP C 119 5.64 0.63 -0.26
C ASP C 119 5.33 0.32 -1.72
N GLN C 120 4.21 0.86 -2.18
CA GLN C 120 3.82 0.68 -3.55
C GLN C 120 4.84 1.29 -4.49
N SER C 121 4.96 0.65 -5.67
CA SER C 121 5.82 1.17 -6.70
C SER C 121 5.32 0.73 -8.07
N ALA D 1 -0.76 12.30 0.46
CA ALA D 1 0.09 12.43 1.68
C ALA D 1 0.30 13.91 1.99
N TRP D 2 0.73 14.16 3.23
CA TRP D 2 0.93 15.53 3.70
C TRP D 2 2.28 15.57 4.43
N LYS D 3 2.93 16.71 4.26
CA LYS D 3 4.21 16.97 4.90
C LYS D 3 4.18 18.40 5.41
N GLY D 4 4.64 18.61 6.65
CA GLY D 4 4.56 19.95 7.21
C GLY D 4 5.20 19.96 8.60
N GLU D 5 4.99 21.05 9.29
CA GLU D 5 5.67 21.27 10.58
C GLU D 5 4.64 21.68 11.62
N VAL D 6 4.90 21.35 12.89
CA VAL D 6 4.04 21.76 13.98
C VAL D 6 4.93 22.43 15.05
N LEU D 7 4.57 23.66 15.43
CA LEU D 7 5.35 24.48 16.33
C LEU D 7 5.06 24.10 17.78
N ALA D 8 6.17 23.97 18.56
CA ALA D 8 6.01 23.69 19.96
C ALA D 8 5.19 24.75 20.68
N ASN D 9 5.23 26.01 20.24
CA ASN D 9 4.58 27.06 21.01
C ASN D 9 3.06 27.17 20.69
N ASN D 10 2.52 26.33 19.83
CA ASN D 10 1.17 26.57 19.33
C ASN D 10 0.15 25.65 20.02
N GLU D 11 -0.68 26.22 20.91
CA GLU D 11 -1.70 25.39 21.59
C GLU D 11 -2.81 24.92 20.64
N ALA D 12 -2.97 25.58 19.52
CA ALA D 12 -4.05 25.20 18.57
C ALA D 12 -3.59 24.12 17.61
N GLY D 13 -2.26 23.91 17.54
CA GLY D 13 -1.63 22.95 16.64
C GLY D 13 -1.77 23.27 15.16
N GLN D 14 -1.49 22.25 14.38
CA GLN D 14 -1.38 22.38 12.95
C GLN D 14 -2.40 21.45 12.30
N VAL D 15 -3.38 22.02 11.60
CA VAL D 15 -4.38 21.24 10.87
C VAL D 15 -3.80 20.68 9.58
N THR D 16 -3.91 19.38 9.33
CA THR D 16 -3.37 18.80 8.09
C THR D 16 -4.50 18.68 7.08
N SER D 17 -4.13 18.29 5.87
CA SER D 17 -5.10 18.04 4.79
C SER D 17 -5.52 16.58 4.83
N ILE D 18 -4.99 15.78 5.73
CA ILE D 18 -5.43 14.40 5.83
C ILE D 18 -6.76 14.26 6.57
N ILE D 19 -7.78 13.65 5.91
CA ILE D 19 -9.01 13.30 6.58
C ILE D 19 -8.98 11.82 6.91
N TYR D 20 -8.93 11.47 8.18
CA TYR D 20 -8.99 10.09 8.59
C TYR D 20 -10.42 9.62 8.53
N ASN D 21 -10.68 8.56 7.76
CA ASN D 21 -12.01 7.93 7.68
C ASN D 21 -11.99 6.53 8.30
N PRO D 22 -13.12 6.01 8.82
CA PRO D 22 -13.18 4.63 9.31
C PRO D 22 -12.54 3.64 8.37
N GLY D 23 -11.67 2.82 8.97
CA GLY D 23 -11.05 1.76 8.22
C GLY D 23 -9.72 2.19 7.62
N ASP D 24 -9.43 3.52 7.62
CA ASP D 24 -8.19 3.95 7.03
C ASP D 24 -7.00 3.42 7.83
N VAL D 25 -5.94 3.10 7.08
CA VAL D 25 -4.67 2.73 7.62
C VAL D 25 -3.70 3.87 7.29
N ILE D 26 -2.97 4.39 8.28
CA ILE D 26 -2.08 5.50 8.05
C ILE D 26 -0.71 5.21 8.62
N THR D 27 0.26 5.95 8.09
CA THR D 27 1.66 5.93 8.54
C THR D 27 2.06 7.39 8.75
N ILE D 28 2.70 7.66 9.90
CA ILE D 28 3.24 8.94 10.26
C ILE D 28 4.69 8.70 10.66
N VAL D 29 5.58 9.62 10.23
CA VAL D 29 6.94 9.70 10.69
C VAL D 29 7.18 11.13 11.13
N ALA D 30 7.67 11.31 12.37
CA ALA D 30 7.87 12.63 12.93
C ALA D 30 9.32 12.76 13.36
N ALA D 31 9.91 13.95 13.14
CA ALA D 31 11.30 14.16 13.54
C ALA D 31 11.43 15.60 14.01
N GLY D 32 12.63 15.93 14.49
CA GLY D 32 12.94 17.28 14.94
C GLY D 32 13.15 17.36 16.45
N TRP D 33 13.28 18.60 16.90
CA TRP D 33 13.67 18.93 18.24
C TRP D 33 12.85 20.10 18.74
N ALA D 34 12.37 19.98 19.98
CA ALA D 34 11.66 21.08 20.59
C ALA D 34 11.97 21.09 22.08
N SER D 35 11.57 22.18 22.71
CA SER D 35 11.58 22.28 24.15
C SER D 35 10.28 22.88 24.66
N TYR D 36 9.88 22.39 25.83
CA TYR D 36 8.74 22.94 26.56
C TYR D 36 9.19 23.96 27.61
N GLY D 37 10.46 24.33 27.60
CA GLY D 37 10.94 25.40 28.47
C GLY D 37 12.43 25.33 28.73
N PRO D 38 12.94 24.18 29.20
CA PRO D 38 14.36 24.10 29.54
C PRO D 38 15.29 24.35 28.35
N THR D 39 16.53 24.68 28.69
CA THR D 39 17.54 24.90 27.67
C THR D 39 18.12 23.56 27.20
N GLN D 40 17.29 22.59 26.95
CA GLN D 40 17.66 21.34 26.33
C GLN D 40 16.53 21.07 25.31
N LYS D 41 16.77 20.08 24.46
CA LYS D 41 15.77 19.73 23.47
C LYS D 41 15.40 18.27 23.55
N TRP D 42 14.16 17.98 23.15
CA TRP D 42 13.69 16.59 23.10
C TRP D 42 13.12 16.34 21.71
N GLY D 43 13.13 15.08 21.32
CA GLY D 43 12.48 14.59 20.13
C GLY D 43 10.99 14.41 20.36
N PRO D 44 10.27 13.88 19.35
CA PRO D 44 8.82 13.81 19.41
C PRO D 44 8.22 12.89 20.44
N GLN D 45 9.01 12.08 21.14
CA GLN D 45 8.47 11.34 22.26
C GLN D 45 8.44 12.18 23.52
N GLY D 46 9.07 13.39 23.49
CA GLY D 46 9.08 14.28 24.62
C GLY D 46 10.02 13.81 25.71
N ASP D 47 9.74 14.23 26.95
CA ASP D 47 10.66 14.07 28.07
C ASP D 47 10.07 13.07 29.04
N ARG D 48 10.62 11.88 29.05
CA ARG D 48 10.01 10.81 29.83
C ARG D 48 10.13 11.05 31.36
N GLU D 49 10.92 12.03 31.82
CA GLU D 49 11.05 12.23 33.27
C GLU D 49 10.08 13.29 33.77
N HIS D 50 9.46 14.09 32.89
CA HIS D 50 8.76 15.27 33.36
C HIS D 50 7.37 14.88 33.87
N PRO D 51 6.97 15.41 35.03
CA PRO D 51 5.64 15.16 35.55
C PRO D 51 4.52 15.70 34.66
N ASP D 52 3.33 15.09 34.79
CA ASP D 52 2.13 15.60 34.13
C ASP D 52 1.39 16.53 35.10
N GLN D 53 1.35 17.82 34.82
CA GLN D 53 0.67 18.79 35.67
C GLN D 53 -0.49 19.40 34.90
N GLY D 54 -1.09 18.61 34.00
CA GLY D 54 -2.19 19.09 33.19
C GLY D 54 -1.89 19.04 31.68
N LEU D 55 -1.18 18.01 31.20
CA LEU D 55 -0.92 17.92 29.77
C LEU D 55 -2.22 17.75 28.96
N ILE D 56 -2.20 18.19 27.70
CA ILE D 56 -3.36 17.98 26.85
C ILE D 56 -3.56 16.50 26.55
N CYS D 57 -2.49 15.70 26.60
CA CYS D 57 -2.60 14.28 26.37
C CYS D 57 -1.91 13.53 27.51
N HIS D 58 -2.71 12.87 28.37
CA HIS D 58 -2.19 12.23 29.56
C HIS D 58 -1.50 10.91 29.20
N ASP D 59 -1.55 10.48 27.94
CA ASP D 59 -0.99 9.19 27.53
C ASP D 59 0.31 9.36 26.72
N ALA D 60 0.89 10.56 26.74
CA ALA D 60 2.18 10.83 26.14
C ALA D 60 2.94 11.79 27.05
N PHE D 61 4.28 11.83 26.94
CA PHE D 61 5.10 12.66 27.78
C PHE D 61 4.94 14.14 27.43
N CYS D 62 5.36 14.98 28.38
CA CYS D 62 5.52 16.40 28.14
C CYS D 62 6.54 16.59 27.01
N GLY D 63 6.16 17.38 26.00
CA GLY D 63 6.98 17.66 24.85
C GLY D 63 6.82 16.67 23.71
N ALA D 64 5.88 15.71 23.84
CA ALA D 64 5.63 14.75 22.79
C ALA D 64 4.72 15.32 21.68
N LEU D 65 4.77 14.71 20.50
CA LEU D 65 3.79 14.99 19.45
C LEU D 65 2.53 14.13 19.67
N VAL D 66 1.38 14.77 19.58
CA VAL D 66 0.10 14.13 19.70
C VAL D 66 -0.79 14.64 18.58
N MET D 67 -1.94 14.01 18.41
CA MET D 67 -2.87 14.46 17.41
C MET D 67 -4.32 14.33 17.89
N LYS D 68 -5.19 14.97 17.13
CA LYS D 68 -6.62 14.71 17.13
C LYS D 68 -7.05 14.31 15.73
N ILE D 69 -8.09 13.46 15.68
CA ILE D 69 -8.75 13.15 14.45
C ILE D 69 -10.16 13.78 14.52
N GLY D 70 -10.45 14.77 13.70
CA GLY D 70 -11.66 15.56 13.87
C GLY D 70 -11.70 16.18 15.27
N ASN D 71 -12.83 15.98 16.00
CA ASN D 71 -13.01 16.51 17.32
C ASN D 71 -12.80 15.42 18.36
N SER D 72 -11.83 14.54 18.14
CA SER D 72 -11.52 13.49 19.10
C SER D 72 -10.77 14.05 20.33
N GLY D 73 -10.53 13.20 21.31
CA GLY D 73 -9.50 13.42 22.30
C GLY D 73 -8.11 13.32 21.65
N THR D 74 -7.08 13.65 22.42
CA THR D 74 -5.71 13.61 21.93
C THR D 74 -5.32 12.14 21.87
N ILE D 75 -4.47 11.85 20.92
CA ILE D 75 -3.98 10.52 20.60
C ILE D 75 -2.47 10.68 20.46
N PRO D 76 -1.65 9.89 21.18
CA PRO D 76 -0.19 9.97 21.02
C PRO D 76 0.25 9.65 19.59
N VAL D 77 1.23 10.42 19.11
CA VAL D 77 1.92 10.10 17.88
C VAL D 77 3.37 9.76 18.15
N ASN D 78 4.06 10.57 18.97
CA ASN D 78 5.45 10.28 19.29
C ASN D 78 6.29 10.30 18.01
N THR D 79 7.07 9.23 17.74
CA THR D 79 7.97 9.27 16.60
C THR D 79 7.17 8.99 15.34
N GLY D 80 5.99 8.44 15.52
CA GLY D 80 5.14 8.07 14.42
C GLY D 80 4.34 6.79 14.66
N LEU D 81 3.61 6.42 13.63
CA LEU D 81 2.66 5.33 13.66
C LEU D 81 2.89 4.53 12.39
N PHE D 82 2.99 3.20 12.52
CA PHE D 82 3.26 2.34 11.38
C PHE D 82 2.00 1.57 10.99
N ARG D 83 1.45 1.87 9.81
CA ARG D 83 0.28 1.14 9.28
C ARG D 83 -0.78 0.97 10.38
N TRP D 84 -1.24 2.09 10.91
CA TRP D 84 -2.06 2.18 12.09
C TRP D 84 -3.50 2.44 11.72
N VAL D 85 -4.39 1.81 12.49
CA VAL D 85 -5.83 2.00 12.40
C VAL D 85 -6.34 2.50 13.75
N ALA D 86 -7.22 3.49 13.73
CA ALA D 86 -7.69 4.14 14.93
C ALA D 86 -8.49 3.12 15.73
N PRO D 87 -8.22 2.95 17.06
CA PRO D 87 -8.80 1.82 17.82
C PRO D 87 -10.24 2.08 18.25
N ASN D 88 -10.67 3.33 18.07
CA ASN D 88 -12.03 3.77 18.39
C ASN D 88 -12.63 4.44 17.17
N ASN D 89 -13.94 4.85 17.26
CA ASN D 89 -14.62 5.47 16.12
C ASN D 89 -14.29 6.96 16.13
N VAL D 90 -13.36 7.38 15.26
CA VAL D 90 -13.00 8.76 15.10
C VAL D 90 -12.94 8.97 13.61
N GLN D 91 -13.20 10.21 13.19
CA GLN D 91 -13.18 10.56 11.79
C GLN D 91 -12.90 12.03 11.72
N GLY D 92 -12.21 12.48 10.67
CA GLY D 92 -12.08 13.88 10.40
C GLY D 92 -10.63 14.24 10.21
N ALA D 93 -10.35 15.52 10.06
CA ALA D 93 -9.05 16.01 9.70
C ALA D 93 -8.08 15.73 10.87
N ILE D 94 -6.84 15.36 10.52
CA ILE D 94 -5.81 15.22 11.53
C ILE D 94 -5.24 16.57 11.91
N THR D 95 -5.27 16.87 13.23
CA THR D 95 -4.58 18.03 13.73
C THR D 95 -3.41 17.54 14.60
N LEU D 96 -2.20 18.04 14.35
CA LEU D 96 -0.98 17.72 15.08
C LEU D 96 -0.79 18.78 16.17
N ILE D 97 -0.41 18.35 17.36
CA ILE D 97 -0.23 19.31 18.45
C ILE D 97 0.94 18.89 19.34
N TYR D 98 1.65 19.90 19.84
CA TYR D 98 2.71 19.67 20.83
C TYR D 98 2.09 19.48 22.23
N ASN D 99 2.45 18.40 22.92
CA ASN D 99 1.91 18.08 24.22
C ASN D 99 2.54 18.95 25.32
N ASP D 100 1.78 19.91 25.82
CA ASP D 100 2.23 20.75 26.95
C ASP D 100 1.03 21.14 27.79
N VAL D 101 1.27 21.79 28.93
CA VAL D 101 0.16 22.23 29.77
C VAL D 101 -0.40 23.53 29.20
N PRO D 102 -1.72 23.67 28.94
CA PRO D 102 -2.28 24.91 28.44
C PRO D 102 -1.90 26.09 29.32
N GLY D 103 -1.57 27.23 28.72
CA GLY D 103 -1.10 28.38 29.42
C GLY D 103 0.41 28.36 29.64
N THR D 104 1.11 27.25 29.28
CA THR D 104 2.55 27.19 29.49
C THR D 104 3.33 27.11 28.18
N TYR D 105 2.70 27.44 27.04
CA TYR D 105 3.31 27.23 25.74
C TYR D 105 4.24 28.39 25.37
N GLY D 106 4.19 29.46 26.14
CA GLY D 106 4.93 30.65 25.75
C GLY D 106 6.44 30.49 25.86
N ASN D 107 6.94 29.54 26.69
CA ASN D 107 8.38 29.33 26.78
C ASN D 107 8.84 28.17 25.89
N ASN D 108 7.95 27.69 25.04
CA ASN D 108 8.27 26.59 24.13
C ASN D 108 9.04 27.05 22.91
N SER D 109 9.89 26.17 22.38
CA SER D 109 10.64 26.47 21.17
C SER D 109 10.79 25.23 20.34
N GLY D 110 11.05 25.46 19.07
CA GLY D 110 11.29 24.37 18.13
C GLY D 110 9.99 23.85 17.57
N SER D 111 10.12 22.76 16.82
CA SER D 111 9.07 22.27 15.94
C SER D 111 9.37 20.84 15.57
N PHE D 112 8.33 20.10 15.16
CA PHE D 112 8.54 18.80 14.59
C PHE D 112 8.13 18.82 13.13
N SER D 113 8.91 18.08 12.30
CA SER D 113 8.58 17.87 10.90
C SER D 113 7.84 16.54 10.84
N VAL D 114 6.74 16.49 10.09
CA VAL D 114 5.91 15.31 10.04
C VAL D 114 5.50 14.99 8.60
N ASN D 115 5.58 13.73 8.28
CA ASN D 115 4.99 13.14 7.10
C ASN D 115 3.84 12.23 7.49
N ILE D 116 2.73 12.28 6.73
CA ILE D 116 1.57 11.42 6.94
C ILE D 116 1.08 10.93 5.59
N GLY D 117 0.89 9.60 5.47
CA GLY D 117 0.30 9.04 4.26
C GLY D 117 -0.72 7.97 4.62
N LYS D 118 -1.68 7.75 3.69
CA LYS D 118 -2.61 6.65 3.82
C LYS D 118 -1.96 5.43 3.18
N ASP D 119 -2.16 4.31 3.85
CA ASP D 119 -1.64 3.05 3.37
C ASP D 119 -2.74 2.24 2.67
N GLN D 120 -2.31 1.14 2.06
CA GLN D 120 -3.28 0.22 1.48
C GLN D 120 -4.11 -0.42 2.59
N SER D 121 -5.38 -0.60 2.32
CA SER D 121 -6.29 -1.20 3.26
C SER D 121 -7.40 -1.96 2.52
#